data_2VH2
#
_entry.id   2VH2
#
_cell.length_a   160.760
_cell.length_b   160.760
_cell.length_c   54.575
_cell.angle_alpha   90.00
_cell.angle_beta   90.00
_cell.angle_gamma   120.00
#
_symmetry.space_group_name_H-M   'P 62'
#
_entity_poly.entity_id   1
_entity_poly.type   'polypeptide(L)'
_entity_poly.pdbx_seq_one_letter_code
;MGSSHHHHHHSSGLVPRGSHMASSRLPLSKLVVTGERHYTTNDDIRQAILSLGAPGTFMTQDVNIIQQQIERLPWIQQAS
VRKQWPDELKIHLVEYVPFARWNDLHMVDEQGRSFSVPSERVGKQKLPLLYGPEGSEQDVLEGYRAINKVLAANKYQLKM
VAMSARHSWQLALDNDVRLELGRDDRMGRLQRFIELYPMLQQQPDKRVSYVDLRYETGAAIGWAPVFIGSQGGEPPVNGQ
QNSNPQQNQAQAKQQ
;
_entity_poly.pdbx_strand_id   A,B
#
# COMPACT_ATOMS: atom_id res chain seq x y z
N PRO A 27 12.03 46.97 -11.98
CA PRO A 27 12.49 47.22 -10.60
C PRO A 27 12.15 46.05 -9.68
N LEU A 28 13.17 45.41 -9.13
CA LEU A 28 12.92 44.28 -8.22
C LEU A 28 13.59 44.43 -6.85
N SER A 29 13.45 43.40 -6.04
CA SER A 29 14.01 43.42 -4.71
C SER A 29 15.12 42.39 -4.54
N LYS A 30 16.00 42.63 -3.58
CA LYS A 30 17.09 41.70 -3.33
C LYS A 30 16.65 40.61 -2.35
N LEU A 31 17.35 39.48 -2.39
CA LEU A 31 17.02 38.37 -1.51
C LEU A 31 18.17 37.81 -0.68
N VAL A 32 18.15 38.09 0.61
CA VAL A 32 19.19 37.58 1.46
C VAL A 32 18.72 36.22 1.94
N VAL A 33 19.11 35.19 1.21
CA VAL A 33 18.71 33.82 1.53
C VAL A 33 19.71 33.07 2.39
N THR A 34 19.22 32.41 3.43
CA THR A 34 20.12 31.70 4.32
C THR A 34 19.62 30.32 4.71
N GLY A 35 20.52 29.35 4.62
CA GLY A 35 20.21 27.97 4.95
C GLY A 35 20.98 27.08 3.98
N GLU A 36 20.85 25.76 4.10
CA GLU A 36 21.56 24.86 3.20
C GLU A 36 20.87 24.66 1.88
N ARG A 37 20.99 25.68 1.02
CA ARG A 37 20.39 25.66 -0.31
C ARG A 37 21.07 24.56 -1.13
N HIS A 38 20.52 23.35 -1.04
CA HIS A 38 21.06 22.19 -1.77
C HIS A 38 20.27 21.89 -3.03
N TYR A 39 18.95 22.04 -2.96
CA TYR A 39 18.09 21.78 -4.10
C TYR A 39 17.47 23.08 -4.58
N THR A 40 17.46 24.09 -3.71
CA THR A 40 16.84 25.38 -4.00
C THR A 40 17.65 26.52 -4.58
N THR A 41 17.24 26.90 -5.79
CA THR A 41 17.87 27.99 -6.53
C THR A 41 17.15 29.27 -6.17
N ASN A 42 17.91 30.35 -6.04
CA ASN A 42 17.32 31.64 -5.74
C ASN A 42 16.11 31.84 -6.64
N ASP A 43 16.28 31.53 -7.92
CA ASP A 43 15.22 31.67 -8.90
C ASP A 43 14.05 30.71 -8.68
N ASP A 44 14.29 29.58 -8.03
CA ASP A 44 13.20 28.65 -7.75
C ASP A 44 12.22 29.43 -6.91
N ILE A 45 12.70 30.54 -6.35
CA ILE A 45 11.92 31.40 -5.49
C ILE A 45 11.34 32.62 -6.17
N ARG A 46 12.20 33.44 -6.78
CA ARG A 46 11.72 34.61 -7.48
C ARG A 46 10.53 34.17 -8.35
N GLN A 47 10.57 32.93 -8.82
CA GLN A 47 9.49 32.41 -9.65
C GLN A 47 8.35 31.87 -8.82
N ALA A 48 8.52 31.86 -7.51
CA ALA A 48 7.48 31.38 -6.62
C ALA A 48 6.77 32.59 -6.01
N ILE A 49 7.51 33.70 -5.89
CA ILE A 49 6.96 34.93 -5.35
C ILE A 49 6.08 35.52 -6.43
N LEU A 50 6.68 35.67 -7.60
CA LEU A 50 6.03 36.22 -8.78
C LEU A 50 4.70 35.50 -9.04
N SER A 51 4.53 34.33 -8.43
CA SER A 51 3.31 33.54 -8.60
C SER A 51 2.05 34.28 -8.18
N LEU A 52 2.21 35.44 -7.55
CA LEU A 52 1.08 36.24 -7.10
C LEU A 52 1.14 37.64 -7.72
N GLY A 53 0.15 37.98 -8.54
CA GLY A 53 0.15 39.28 -9.19
C GLY A 53 -0.09 40.43 -8.24
N ALA A 54 0.99 41.04 -7.75
CA ALA A 54 0.85 42.18 -6.84
C ALA A 54 2.17 42.95 -6.86
N PRO A 55 2.26 43.96 -7.73
CA PRO A 55 3.48 44.75 -7.81
C PRO A 55 3.93 45.36 -6.49
N GLY A 56 5.24 45.39 -6.27
CA GLY A 56 5.78 45.96 -5.05
C GLY A 56 6.21 44.87 -4.09
N THR A 57 7.10 43.99 -4.54
CA THR A 57 7.60 42.84 -3.77
C THR A 57 7.48 42.90 -2.26
N PHE A 58 7.62 44.08 -1.68
CA PHE A 58 7.49 44.21 -0.24
C PHE A 58 6.08 44.50 0.24
N MET A 59 5.20 44.91 -0.66
CA MET A 59 3.81 45.20 -0.34
C MET A 59 3.17 43.98 0.34
N THR A 60 3.45 42.80 -0.22
CA THR A 60 2.87 41.55 0.26
C THR A 60 3.45 41.08 1.59
N GLN A 61 2.54 40.82 2.52
CA GLN A 61 2.85 40.33 3.86
C GLN A 61 3.75 39.11 3.80
N ASP A 62 4.71 39.02 4.69
CA ASP A 62 5.61 37.88 4.72
C ASP A 62 5.02 36.59 5.29
N VAL A 63 4.10 36.67 6.24
CA VAL A 63 3.54 35.44 6.77
C VAL A 63 2.91 34.75 5.58
N ASN A 64 2.81 35.51 4.49
CA ASN A 64 2.23 35.03 3.26
C ASN A 64 3.30 34.49 2.36
N ILE A 65 4.36 35.26 2.17
CA ILE A 65 5.47 34.83 1.33
C ILE A 65 5.85 33.45 1.86
N ILE A 66 6.08 33.33 3.18
CA ILE A 66 6.40 32.02 3.79
C ILE A 66 5.41 31.09 3.13
N GLN A 67 4.23 31.02 3.72
CA GLN A 67 3.13 30.21 3.24
C GLN A 67 3.31 29.66 1.83
N GLN A 68 3.62 30.55 0.90
CA GLN A 68 3.79 30.16 -0.48
C GLN A 68 5.02 29.31 -0.54
N GLN A 69 6.16 29.95 -0.69
CA GLN A 69 7.44 29.26 -0.72
C GLN A 69 7.55 28.09 0.26
N ILE A 70 7.07 28.27 1.50
CA ILE A 70 7.12 27.23 2.54
C ILE A 70 6.16 26.14 2.11
N GLU A 71 5.20 26.51 1.27
CA GLU A 71 4.23 25.53 0.76
C GLU A 71 5.16 24.52 0.16
N ARG A 72 5.40 23.47 0.94
CA ARG A 72 6.29 22.41 0.51
C ARG A 72 6.45 22.55 -1.00
N LEU A 73 7.68 22.66 -1.48
CA LEU A 73 7.89 22.79 -2.90
C LEU A 73 8.13 21.50 -3.66
N PRO A 74 7.87 20.34 -3.04
CA PRO A 74 7.37 20.10 -1.69
C PRO A 74 8.56 19.73 -0.83
N TRP A 75 9.73 20.23 -1.20
CA TRP A 75 10.90 19.86 -0.46
C TRP A 75 11.39 20.81 0.62
N ILE A 76 10.70 21.93 0.83
CA ILE A 76 11.08 22.86 1.88
C ILE A 76 10.25 22.50 3.08
N GLN A 77 10.88 22.41 4.23
CA GLN A 77 10.19 22.04 5.47
C GLN A 77 9.42 23.24 6.05
N GLN A 78 10.16 24.27 6.43
CA GLN A 78 9.58 25.51 6.96
C GLN A 78 10.60 26.55 6.56
N ALA A 79 10.14 27.73 6.18
CA ALA A 79 11.04 28.80 5.78
C ALA A 79 10.60 30.02 6.55
N SER A 80 11.49 31.00 6.66
CA SER A 80 11.17 32.20 7.39
C SER A 80 11.49 33.44 6.60
N VAL A 81 10.52 34.34 6.52
CA VAL A 81 10.76 35.58 5.80
C VAL A 81 10.59 36.74 6.73
N ARG A 82 11.43 37.75 6.55
CA ARG A 82 11.35 38.98 7.32
C ARG A 82 12.03 39.98 6.40
N LYS A 83 11.47 41.19 6.31
CA LYS A 83 12.02 42.16 5.41
C LYS A 83 12.90 43.17 6.08
N GLN A 84 14.04 43.47 5.45
CA GLN A 84 14.96 44.48 5.93
C GLN A 84 14.45 45.62 5.12
N TRP A 85 14.02 46.69 5.78
CA TRP A 85 13.46 47.79 5.04
C TRP A 85 14.32 48.51 4.01
N PRO A 86 15.66 48.50 4.20
CA PRO A 86 16.41 49.20 3.16
C PRO A 86 15.74 48.94 1.81
N ASP A 87 15.68 47.66 1.44
CA ASP A 87 15.11 47.20 0.17
C ASP A 87 15.35 45.69 -0.03
N GLU A 88 15.93 45.02 0.97
CA GLU A 88 16.17 43.58 0.83
C GLU A 88 15.27 42.72 1.69
N LEU A 89 14.88 41.57 1.13
CA LEU A 89 14.00 40.57 1.75
C LEU A 89 14.75 39.37 2.33
N LYS A 90 14.85 39.30 3.65
CA LYS A 90 15.62 38.22 4.26
C LYS A 90 14.91 36.90 4.42
N ILE A 91 15.12 35.99 3.47
CA ILE A 91 14.47 34.68 3.56
C ILE A 91 15.42 33.60 4.05
N HIS A 92 15.02 32.87 5.07
CA HIS A 92 15.88 31.81 5.57
C HIS A 92 15.10 30.53 5.55
N LEU A 93 15.57 29.60 4.74
CA LEU A 93 14.89 28.33 4.57
C LEU A 93 15.72 27.14 4.92
N VAL A 94 15.02 26.06 5.30
CA VAL A 94 15.66 24.79 5.67
C VAL A 94 14.96 23.64 4.97
N GLU A 95 15.62 23.14 3.92
CA GLU A 95 15.08 22.05 3.11
C GLU A 95 14.80 20.77 3.90
N TYR A 96 14.33 19.75 3.20
CA TYR A 96 14.04 18.46 3.82
C TYR A 96 15.29 17.58 3.64
N VAL A 97 15.57 16.74 4.62
CA VAL A 97 16.74 15.86 4.57
C VAL A 97 16.33 14.46 4.11
N PRO A 98 16.67 14.09 2.86
CA PRO A 98 16.30 12.75 2.39
C PRO A 98 17.03 11.64 3.14
N PHE A 99 16.31 10.58 3.46
CA PHE A 99 16.91 9.47 4.17
C PHE A 99 16.57 8.12 3.54
N ALA A 100 15.61 8.08 2.63
CA ALA A 100 15.25 6.83 1.97
C ALA A 100 14.17 7.09 0.92
N ARG A 101 14.11 6.27 -0.13
CA ARG A 101 13.12 6.45 -1.18
C ARG A 101 11.83 5.70 -0.87
N TRP A 102 10.70 6.32 -1.19
CA TRP A 102 9.36 5.80 -0.91
C TRP A 102 8.78 4.81 -1.93
N ASN A 103 8.89 5.13 -3.20
CA ASN A 103 8.41 4.22 -4.22
C ASN A 103 9.47 4.31 -5.27
N ASP A 104 9.34 5.28 -6.16
CA ASP A 104 10.36 5.47 -7.18
C ASP A 104 10.38 6.92 -7.62
N LEU A 105 9.33 7.66 -7.29
CA LEU A 105 9.29 9.07 -7.64
C LEU A 105 9.09 9.92 -6.39
N HIS A 106 9.31 9.31 -5.23
CA HIS A 106 9.15 9.99 -3.93
C HIS A 106 10.38 9.97 -3.04
N MET A 107 10.21 10.43 -1.79
CA MET A 107 11.30 10.43 -0.79
C MET A 107 10.87 10.70 0.68
N VAL A 108 11.63 10.17 1.63
CA VAL A 108 11.31 10.35 3.06
C VAL A 108 12.57 10.65 3.90
N ASP A 109 12.40 11.14 5.13
CA ASP A 109 13.54 11.47 5.98
C ASP A 109 13.53 10.75 7.33
N GLU A 110 14.67 10.74 8.02
CA GLU A 110 14.76 10.05 9.31
C GLU A 110 13.50 10.25 10.13
N GLN A 111 12.95 11.45 10.05
CA GLN A 111 11.75 11.81 10.79
C GLN A 111 10.57 11.01 10.28
N GLY A 112 10.44 10.89 8.97
CA GLY A 112 9.35 10.12 8.41
C GLY A 112 8.40 10.89 7.52
N ARG A 113 8.80 12.11 7.15
CA ARG A 113 7.95 12.94 6.29
C ARG A 113 8.16 12.72 4.80
N SER A 114 7.07 12.78 4.05
CA SER A 114 7.12 12.58 2.61
C SER A 114 7.32 13.85 1.81
N PHE A 115 8.11 13.79 0.76
CA PHE A 115 8.33 14.95 -0.10
C PHE A 115 8.96 14.52 -1.40
N SER A 116 8.99 15.41 -2.38
CA SER A 116 9.57 15.02 -3.65
C SER A 116 10.64 15.97 -4.11
N VAL A 117 10.93 15.90 -5.41
CA VAL A 117 11.94 16.73 -6.07
C VAL A 117 12.15 16.15 -7.47
N PRO A 118 12.28 17.02 -8.48
CA PRO A 118 12.47 16.62 -9.88
C PRO A 118 13.68 15.73 -10.18
N SER A 119 13.46 14.77 -11.07
CA SER A 119 14.51 13.86 -11.47
C SER A 119 15.59 14.65 -12.21
N GLU A 120 15.82 15.90 -11.80
CA GLU A 120 16.82 16.73 -12.44
C GLU A 120 18.22 16.51 -11.88
N ARG A 121 19.02 17.56 -11.84
CA ARG A 121 20.39 17.45 -11.32
C ARG A 121 20.37 17.51 -9.80
N VAL A 122 19.90 16.42 -9.20
CA VAL A 122 19.79 16.31 -7.76
C VAL A 122 20.08 14.90 -7.25
N GLY A 123 19.30 13.93 -7.74
CA GLY A 123 19.48 12.55 -7.31
C GLY A 123 20.80 11.91 -7.73
N LYS A 124 21.72 11.81 -6.78
CA LYS A 124 23.02 11.22 -7.05
C LYS A 124 23.69 10.78 -5.74
N GLN A 125 23.26 9.62 -5.25
CA GLN A 125 23.79 9.05 -4.00
C GLN A 125 23.10 7.74 -3.63
N LYS A 126 23.87 6.78 -3.11
CA LYS A 126 23.31 5.49 -2.70
C LYS A 126 22.36 5.74 -1.54
N LEU A 127 21.07 5.60 -1.83
CA LEU A 127 20.05 5.87 -0.83
C LEU A 127 19.02 4.74 -0.78
N PRO A 128 18.87 4.09 0.40
CA PRO A 128 17.96 2.99 0.69
C PRO A 128 16.61 3.10 0.04
N LEU A 129 16.13 1.99 -0.53
CA LEU A 129 14.84 1.99 -1.18
C LEU A 129 13.80 1.29 -0.31
N LEU A 130 12.71 1.99 -0.04
CA LEU A 130 11.62 1.46 0.77
C LEU A 130 10.36 1.63 -0.05
N TYR A 131 9.61 0.55 -0.27
CA TYR A 131 8.37 0.58 -1.06
C TYR A 131 7.16 0.23 -0.19
N GLY A 132 5.95 0.38 -0.74
CA GLY A 132 4.76 0.06 0.00
C GLY A 132 3.51 0.73 -0.56
N PRO A 133 2.34 0.54 0.07
CA PRO A 133 1.08 1.14 -0.38
C PRO A 133 0.98 2.61 0.04
N GLU A 134 -0.11 3.28 -0.33
CA GLU A 134 -0.29 4.70 0.00
C GLU A 134 -0.71 4.91 1.45
N GLY A 135 -0.07 5.84 2.13
CA GLY A 135 -0.42 6.14 3.50
C GLY A 135 0.05 5.17 4.57
N SER A 136 1.30 4.72 4.46
CA SER A 136 1.91 3.80 5.42
C SER A 136 3.39 4.14 5.59
N GLU A 137 3.75 5.34 5.12
CA GLU A 137 5.11 5.85 5.17
C GLU A 137 5.87 5.58 6.45
N GLN A 138 5.27 5.93 7.58
CA GLN A 138 5.92 5.71 8.86
C GLN A 138 5.89 4.23 9.23
N ASP A 139 4.76 3.58 8.98
CA ASP A 139 4.62 2.16 9.28
C ASP A 139 5.86 1.45 8.75
N VAL A 140 6.24 1.78 7.52
CA VAL A 140 7.41 1.21 6.86
C VAL A 140 8.76 1.62 7.44
N LEU A 141 8.99 2.93 7.53
CA LEU A 141 10.24 3.44 8.07
C LEU A 141 10.41 2.82 9.44
N GLU A 142 9.32 2.80 10.21
CA GLU A 142 9.32 2.21 11.54
C GLU A 142 10.14 0.93 11.47
N GLY A 143 9.81 0.09 10.49
CA GLY A 143 10.49 -1.17 10.31
C GLY A 143 11.97 -0.99 10.02
N TYR A 144 12.29 -0.56 8.81
CA TYR A 144 13.67 -0.36 8.40
C TYR A 144 14.50 0.15 9.56
N ARG A 145 14.10 1.29 10.11
CA ARG A 145 14.81 1.89 11.23
C ARG A 145 15.24 0.85 12.27
N ALA A 146 14.28 0.04 12.71
CA ALA A 146 14.52 -0.99 13.73
C ALA A 146 15.24 -2.22 13.20
N ILE A 147 15.08 -2.51 11.90
CA ILE A 147 15.73 -3.66 11.28
C ILE A 147 17.15 -3.34 10.86
N ASN A 148 17.33 -2.14 10.34
CA ASN A 148 18.65 -1.71 9.89
C ASN A 148 19.68 -2.09 10.94
N LYS A 149 19.45 -1.66 12.18
CA LYS A 149 20.35 -1.94 13.27
C LYS A 149 20.95 -3.34 13.17
N VAL A 150 20.10 -4.34 12.97
CA VAL A 150 20.54 -5.74 12.89
C VAL A 150 21.49 -6.10 11.75
N LEU A 151 21.10 -5.73 10.53
CA LEU A 151 21.91 -6.01 9.35
C LEU A 151 23.14 -5.10 9.30
N ALA A 152 23.07 -3.97 10.00
CA ALA A 152 24.17 -3.01 10.07
C ALA A 152 25.20 -3.60 11.01
N ALA A 153 24.70 -4.42 11.93
CA ALA A 153 25.53 -5.09 12.90
C ALA A 153 26.62 -5.86 12.14
N ASN A 154 26.19 -6.63 11.13
CA ASN A 154 27.11 -7.43 10.31
C ASN A 154 27.45 -6.72 8.99
N LYS A 155 28.26 -7.34 8.13
CA LYS A 155 28.66 -6.72 6.86
C LYS A 155 27.58 -6.83 5.78
N TYR A 156 26.33 -6.60 6.19
CA TYR A 156 25.19 -6.67 5.27
C TYR A 156 24.47 -5.28 5.15
N GLN A 157 24.80 -4.56 4.08
CA GLN A 157 24.24 -3.25 3.82
C GLN A 157 22.92 -3.40 3.09
N LEU A 158 21.81 -3.46 3.84
CA LEU A 158 20.47 -3.62 3.22
C LEU A 158 20.23 -2.61 2.08
N LYS A 159 19.78 -3.13 0.94
CA LYS A 159 19.57 -2.29 -0.24
C LYS A 159 18.13 -1.86 -0.41
N MET A 160 17.18 -2.59 0.17
CA MET A 160 15.78 -2.21 0.04
C MET A 160 14.85 -2.95 1.00
N VAL A 161 13.63 -2.43 1.15
CA VAL A 161 12.60 -3.01 2.02
C VAL A 161 11.22 -2.58 1.55
N ALA A 162 10.36 -3.55 1.25
CA ALA A 162 9.01 -3.24 0.76
C ALA A 162 7.90 -4.03 1.46
N MET A 163 6.79 -3.34 1.76
CA MET A 163 5.61 -3.92 2.42
C MET A 163 4.38 -3.84 1.51
N SER A 164 3.67 -4.96 1.32
CA SER A 164 2.48 -4.95 0.47
C SER A 164 1.25 -4.53 1.27
N ALA A 165 0.14 -4.33 0.57
CA ALA A 165 -1.10 -3.92 1.19
C ALA A 165 -1.37 -4.69 2.46
N ARG A 166 -1.62 -5.98 2.34
CA ARG A 166 -1.90 -6.77 3.52
C ARG A 166 -0.69 -7.02 4.42
N HIS A 167 0.30 -6.14 4.34
CA HIS A 167 1.50 -6.23 5.17
C HIS A 167 2.40 -7.44 4.94
N SER A 168 2.88 -7.58 3.71
CA SER A 168 3.77 -8.67 3.34
C SER A 168 5.13 -8.14 2.93
N TRP A 169 6.11 -8.25 3.82
CA TRP A 169 7.46 -7.75 3.56
C TRP A 169 8.30 -8.59 2.60
N GLN A 170 9.49 -8.06 2.31
CA GLN A 170 10.45 -8.65 1.40
C GLN A 170 11.62 -7.66 1.38
N LEU A 171 12.79 -8.05 0.88
CA LEU A 171 13.92 -7.12 0.84
C LEU A 171 15.11 -7.60 0.06
N ALA A 172 16.30 -7.03 0.30
CA ALA A 172 17.52 -7.43 -0.40
C ALA A 172 18.77 -6.85 0.28
N LEU A 173 19.87 -7.59 0.25
CA LEU A 173 21.14 -7.20 0.90
C LEU A 173 22.15 -6.57 -0.04
N ASP A 174 23.41 -6.48 0.38
CA ASP A 174 24.40 -5.88 -0.50
C ASP A 174 24.28 -6.60 -1.82
N ASN A 175 24.56 -7.90 -1.79
CA ASN A 175 24.42 -8.65 -3.01
C ASN A 175 22.93 -8.56 -3.31
N ASP A 176 22.50 -8.96 -4.50
CA ASP A 176 21.07 -8.89 -4.82
C ASP A 176 20.32 -10.03 -4.16
N VAL A 177 20.90 -10.59 -3.11
CA VAL A 177 20.30 -11.69 -2.38
C VAL A 177 18.97 -11.30 -1.77
N ARG A 178 17.88 -11.83 -2.33
CA ARG A 178 16.52 -11.55 -1.86
C ARG A 178 16.38 -11.95 -0.40
N LEU A 179 15.15 -11.92 0.10
CA LEU A 179 14.86 -12.25 1.49
C LEU A 179 13.35 -12.05 1.75
N GLU A 180 12.55 -13.11 1.69
CA GLU A 180 11.13 -12.99 1.92
C GLU A 180 10.94 -12.91 3.44
N LEU A 181 10.10 -12.00 3.92
CA LEU A 181 9.84 -11.85 5.36
C LEU A 181 8.42 -12.21 5.70
N GLY A 182 7.56 -12.24 4.70
CA GLY A 182 6.20 -12.63 5.00
C GLY A 182 5.14 -11.66 5.43
N ARG A 183 4.55 -11.95 6.58
CA ARG A 183 3.42 -11.15 7.09
C ARG A 183 3.31 -11.12 8.62
N ASP A 184 3.46 -12.30 9.24
CA ASP A 184 3.33 -12.41 10.69
C ASP A 184 4.61 -12.14 11.49
N ASP A 185 5.25 -13.18 12.01
CA ASP A 185 6.46 -13.00 12.81
C ASP A 185 7.64 -12.46 12.02
N ARG A 186 7.97 -11.20 12.24
CA ARG A 186 9.06 -10.52 11.53
C ARG A 186 10.37 -10.34 12.30
N MET A 187 10.30 -9.93 13.56
CA MET A 187 11.53 -9.74 14.34
C MET A 187 12.18 -11.10 14.59
N GLY A 188 11.45 -12.00 15.21
CA GLY A 188 11.99 -13.32 15.47
C GLY A 188 12.52 -13.90 14.18
N ARG A 189 11.61 -14.10 13.23
CA ARG A 189 11.96 -14.66 11.93
C ARG A 189 13.20 -14.01 11.36
N LEU A 190 13.41 -12.73 11.69
CA LEU A 190 14.57 -11.98 11.19
C LEU A 190 15.90 -12.32 11.88
N GLN A 191 15.87 -12.52 13.20
CA GLN A 191 17.07 -12.85 13.98
C GLN A 191 17.69 -14.11 13.40
N ARG A 192 16.84 -14.97 12.86
CA ARG A 192 17.24 -16.23 12.26
C ARG A 192 18.39 -16.04 11.25
N PHE A 193 18.08 -15.42 10.13
CA PHE A 193 19.06 -15.17 9.07
C PHE A 193 20.45 -14.94 9.64
N ILE A 194 20.59 -13.94 10.52
CA ILE A 194 21.89 -13.62 11.11
C ILE A 194 22.62 -14.91 11.48
N GLU A 195 21.92 -15.75 12.23
CA GLU A 195 22.46 -17.04 12.68
C GLU A 195 22.90 -17.85 11.47
N LEU A 196 21.94 -18.49 10.80
CA LEU A 196 22.26 -19.31 9.64
C LEU A 196 22.73 -18.49 8.43
N TYR A 197 24.04 -18.51 8.16
CA TYR A 197 24.60 -17.82 7.00
C TYR A 197 26.06 -18.18 6.72
N PRO A 198 26.89 -18.31 7.77
CA PRO A 198 28.30 -18.66 7.54
C PRO A 198 28.49 -19.91 6.66
N MET A 199 27.39 -20.45 6.13
CA MET A 199 27.42 -21.64 5.28
C MET A 199 27.45 -21.36 3.78
N LEU A 200 28.29 -20.43 3.34
CA LEU A 200 28.43 -20.09 1.93
C LEU A 200 29.56 -20.91 1.33
N GLN A 201 29.52 -22.22 1.58
CA GLN A 201 30.55 -23.12 1.09
C GLN A 201 30.60 -23.15 -0.44
N GLN A 203 31.80 -19.28 -2.92
CA GLN A 203 32.14 -19.60 -4.30
C GLN A 203 31.76 -18.50 -5.32
N PRO A 204 32.62 -18.28 -6.35
CA PRO A 204 32.41 -17.26 -7.41
C PRO A 204 31.21 -17.49 -8.34
N ASP A 205 31.07 -18.72 -8.81
CA ASP A 205 29.95 -19.07 -9.68
C ASP A 205 28.67 -19.16 -8.87
N LYS A 206 28.70 -20.01 -7.84
CA LYS A 206 27.54 -20.24 -6.97
C LYS A 206 27.30 -19.17 -5.89
N ARG A 207 26.27 -18.35 -6.12
CA ARG A 207 25.88 -17.28 -5.19
C ARG A 207 24.46 -17.47 -4.69
N VAL A 208 24.25 -17.23 -3.41
CA VAL A 208 22.91 -17.37 -2.85
C VAL A 208 22.03 -16.38 -3.57
N SER A 209 20.85 -16.85 -3.98
CA SER A 209 19.94 -16.01 -4.73
C SER A 209 18.79 -15.56 -3.89
N TYR A 210 18.76 -16.03 -2.64
CA TYR A 210 17.67 -15.67 -1.73
C TYR A 210 17.55 -16.59 -0.54
N VAL A 211 16.75 -16.19 0.44
CA VAL A 211 16.50 -16.99 1.63
C VAL A 211 15.02 -16.76 1.91
N ASP A 212 14.20 -17.78 1.69
CA ASP A 212 12.77 -17.67 1.97
C ASP A 212 12.59 -18.09 3.42
N LEU A 213 11.88 -17.29 4.20
CA LEU A 213 11.67 -17.58 5.62
C LEU A 213 10.19 -17.74 5.90
N ARG A 214 9.40 -17.76 4.84
CA ARG A 214 7.94 -17.89 4.98
C ARG A 214 7.51 -19.25 5.60
N TYR A 215 8.46 -19.98 6.18
CA TYR A 215 8.20 -21.27 6.80
C TYR A 215 8.04 -21.09 8.30
N GLU A 216 8.28 -22.17 9.05
CA GLU A 216 8.15 -22.12 10.50
C GLU A 216 9.25 -22.90 11.23
N THR A 217 9.68 -24.01 10.62
CA THR A 217 10.75 -24.84 11.18
C THR A 217 12.10 -24.14 10.97
N GLY A 218 12.31 -23.62 9.76
CA GLY A 218 13.55 -22.93 9.42
C GLY A 218 13.43 -22.19 8.10
N ALA A 219 14.56 -21.85 7.48
CA ALA A 219 14.55 -21.14 6.20
C ALA A 219 14.77 -22.08 4.99
N ALA A 220 14.79 -21.50 3.79
CA ALA A 220 14.98 -22.24 2.53
C ALA A 220 15.92 -21.50 1.60
N ILE A 221 17.21 -21.85 1.66
CA ILE A 221 18.21 -21.21 0.82
C ILE A 221 17.93 -21.47 -0.66
N GLY A 222 18.40 -20.58 -1.54
CA GLY A 222 18.18 -20.72 -2.97
C GLY A 222 19.29 -20.09 -3.78
N TRP A 223 19.65 -20.70 -4.91
CA TRP A 223 20.76 -20.16 -5.73
C TRP A 223 20.37 -19.51 -7.03
N ALA A 224 21.34 -18.80 -7.60
CA ALA A 224 21.14 -18.06 -8.85
C ALA A 224 21.54 -18.75 -10.14
N PRO A 225 20.55 -18.96 -11.02
CA PRO A 225 20.65 -19.60 -12.32
C PRO A 225 21.60 -18.88 -13.30
N VAL A 226 22.90 -19.12 -13.24
CA VAL A 226 23.83 -18.46 -14.17
C VAL A 226 23.70 -18.81 -15.63
N PHE A 227 24.30 -17.99 -16.49
CA PHE A 227 24.21 -18.19 -17.93
C PHE A 227 25.57 -18.30 -18.64
N ILE A 228 25.64 -19.18 -19.65
CA ILE A 228 26.84 -19.38 -20.48
C ILE A 228 26.46 -19.32 -21.96
N GLY A 229 25.45 -19.95 -22.33
N ARG B 25 13.33 -32.98 7.41
CA ARG B 25 14.14 -34.18 7.03
C ARG B 25 13.28 -35.45 6.91
N LEU B 26 12.65 -35.61 5.75
CA LEU B 26 11.77 -36.76 5.44
C LEU B 26 11.83 -37.08 3.92
N PRO B 27 11.71 -38.38 3.54
CA PRO B 27 11.74 -38.84 2.13
C PRO B 27 10.57 -38.34 1.27
N LEU B 28 10.62 -37.07 0.88
CA LEU B 28 9.56 -36.44 0.09
C LEU B 28 10.08 -35.74 -1.17
N SER B 29 9.31 -34.74 -1.63
CA SER B 29 9.65 -33.97 -2.83
C SER B 29 9.82 -32.50 -2.50
N LYS B 30 10.76 -31.85 -3.18
CA LYS B 30 10.98 -30.43 -2.95
C LYS B 30 9.93 -29.69 -3.75
N LEU B 31 9.71 -28.42 -3.40
CA LEU B 31 8.71 -27.63 -4.10
C LEU B 31 9.22 -26.25 -4.50
N VAL B 32 9.26 -26.01 -5.80
CA VAL B 32 9.67 -24.71 -6.31
C VAL B 32 8.38 -23.93 -6.58
N VAL B 33 8.00 -23.07 -5.64
CA VAL B 33 6.76 -22.31 -5.74
C VAL B 33 6.96 -20.88 -6.20
N THR B 34 6.17 -20.45 -7.18
CA THR B 34 6.30 -19.10 -7.69
C THR B 34 5.00 -18.33 -7.83
N GLY B 35 5.02 -17.09 -7.37
CA GLY B 35 3.87 -16.20 -7.43
C GLY B 35 3.72 -15.49 -6.10
N GLU B 36 2.74 -14.60 -5.97
CA GLU B 36 2.55 -13.86 -4.74
C GLU B 36 1.90 -14.60 -3.57
N ARG B 37 2.59 -15.59 -3.05
CA ARG B 37 2.10 -16.37 -1.90
C ARG B 37 1.82 -15.41 -0.77
N HIS B 38 0.57 -14.96 -0.68
CA HIS B 38 0.17 -14.03 0.36
C HIS B 38 -0.63 -14.74 1.45
N TYR B 39 -1.52 -15.62 1.03
CA TYR B 39 -2.35 -16.34 1.98
C TYR B 39 -1.89 -17.79 2.07
N THR B 40 -1.25 -18.26 1.01
CA THR B 40 -0.81 -19.65 0.93
C THR B 40 0.52 -20.04 1.58
N THR B 41 0.46 -21.05 2.44
CA THR B 41 1.66 -21.53 3.09
C THR B 41 2.11 -22.81 2.42
N ASN B 42 3.41 -22.92 2.17
CA ASN B 42 3.97 -24.11 1.55
C ASN B 42 3.29 -25.33 2.16
N ASP B 43 3.08 -25.29 3.48
CA ASP B 43 2.43 -26.40 4.17
C ASP B 43 0.96 -26.53 3.83
N ASP B 44 0.33 -25.41 3.49
CA ASP B 44 -1.08 -25.45 3.11
C ASP B 44 -1.20 -26.40 1.92
N ILE B 45 -0.07 -26.61 1.25
CA ILE B 45 -0.01 -27.46 0.06
C ILE B 45 0.46 -28.88 0.33
N ARG B 46 1.58 -29.02 1.03
CA ARG B 46 2.09 -30.34 1.34
C ARG B 46 0.91 -31.14 1.94
N GLN B 47 0.02 -30.42 2.61
CA GLN B 47 -1.17 -31.01 3.24
C GLN B 47 -2.32 -31.19 2.27
N ALA B 48 -2.22 -30.54 1.11
CA ALA B 48 -3.27 -30.64 0.10
C ALA B 48 -2.94 -31.76 -0.88
N ILE B 49 -1.64 -32.02 -1.02
CA ILE B 49 -1.18 -33.07 -1.93
C ILE B 49 -1.37 -34.41 -1.23
N LEU B 50 -0.93 -34.43 0.02
CA LEU B 50 -1.01 -35.62 0.85
C LEU B 50 -2.45 -36.10 0.93
N SER B 51 -3.39 -35.26 0.48
CA SER B 51 -4.81 -35.59 0.49
C SER B 51 -5.15 -36.82 -0.35
N LEU B 52 -4.25 -37.20 -1.23
CA LEU B 52 -4.47 -38.36 -2.08
C LEU B 52 -3.45 -39.45 -1.78
N GLY B 53 -3.92 -40.56 -1.22
CA GLY B 53 -3.05 -41.67 -0.86
C GLY B 53 -2.34 -42.32 -2.04
N ALA B 54 -1.21 -41.75 -2.44
CA ALA B 54 -0.43 -42.29 -3.55
C ALA B 54 1.07 -42.06 -3.39
N PRO B 55 1.78 -43.02 -2.75
CA PRO B 55 3.23 -42.89 -2.55
C PRO B 55 3.94 -42.92 -3.92
N GLY B 56 4.81 -41.95 -4.18
CA GLY B 56 5.49 -41.96 -5.48
C GLY B 56 6.23 -40.72 -5.89
N THR B 57 7.57 -40.80 -5.83
CA THR B 57 8.51 -39.73 -6.18
C THR B 57 8.20 -38.99 -7.50
N PHE B 58 7.60 -39.70 -8.45
CA PHE B 58 7.27 -39.15 -9.76
C PHE B 58 6.57 -40.31 -10.47
N MET B 59 5.97 -41.20 -9.69
CA MET B 59 5.27 -42.33 -10.28
C MET B 59 4.40 -41.86 -11.48
N THR B 60 3.10 -42.09 -11.38
CA THR B 60 2.21 -41.66 -12.45
C THR B 60 1.39 -40.55 -11.81
N GLN B 61 1.98 -39.37 -11.69
CA GLN B 61 1.30 -38.25 -11.09
C GLN B 61 0.88 -37.26 -12.15
N ASP B 62 -0.39 -37.24 -12.51
CA ASP B 62 -0.84 -36.29 -13.51
C ASP B 62 -1.24 -34.99 -12.83
N VAL B 63 -0.70 -33.91 -13.36
CA VAL B 63 -0.94 -32.57 -12.85
C VAL B 63 -2.41 -32.27 -12.58
N ASN B 64 -3.23 -32.39 -13.62
CA ASN B 64 -4.66 -32.12 -13.51
C ASN B 64 -5.26 -32.56 -12.17
N ILE B 65 -4.68 -33.61 -11.57
CA ILE B 65 -5.19 -34.11 -10.31
C ILE B 65 -4.69 -33.26 -9.16
N ILE B 66 -3.38 -33.03 -9.14
CA ILE B 66 -2.70 -32.24 -8.11
C ILE B 66 -3.30 -30.84 -8.14
N GLN B 67 -3.08 -30.20 -9.29
CA GLN B 67 -3.57 -28.88 -9.56
C GLN B 67 -5.00 -28.79 -9.05
N GLN B 68 -5.83 -29.72 -9.50
CA GLN B 68 -7.24 -29.74 -9.12
C GLN B 68 -7.43 -29.65 -7.61
N GLN B 69 -6.99 -30.66 -6.88
CA GLN B 69 -7.16 -30.63 -5.42
C GLN B 69 -6.16 -29.65 -4.82
N ILE B 70 -6.29 -28.39 -5.19
CA ILE B 70 -5.41 -27.33 -4.69
C ILE B 70 -5.85 -26.01 -5.33
N GLU B 71 -6.53 -26.11 -6.46
CA GLU B 71 -6.98 -24.94 -7.20
C GLU B 71 -8.18 -24.18 -6.58
N ARG B 72 -9.15 -23.84 -7.44
CA ARG B 72 -10.39 -23.10 -7.14
C ARG B 72 -11.08 -23.57 -5.87
N LEU B 73 -10.29 -24.20 -5.00
CA LEU B 73 -10.76 -24.74 -3.74
C LEU B 73 -10.58 -23.70 -2.63
N PRO B 74 -9.36 -23.25 -2.40
CA PRO B 74 -9.29 -22.26 -1.31
C PRO B 74 -9.58 -20.80 -1.71
N TRP B 75 -8.54 -20.07 -2.07
CA TRP B 75 -8.63 -18.65 -2.46
C TRP B 75 -7.67 -18.45 -3.64
N ILE B 76 -7.21 -19.59 -4.17
CA ILE B 76 -6.30 -19.61 -5.30
C ILE B 76 -7.17 -19.56 -6.56
N GLN B 77 -6.77 -18.73 -7.52
CA GLN B 77 -7.55 -18.61 -8.75
C GLN B 77 -7.18 -19.69 -9.74
N GLN B 78 -5.92 -19.69 -10.16
CA GLN B 78 -5.40 -20.63 -11.15
C GLN B 78 -3.97 -20.97 -10.76
N ALA B 79 -3.66 -22.25 -10.66
CA ALA B 79 -2.30 -22.67 -10.33
C ALA B 79 -1.79 -23.66 -11.39
N SER B 80 -0.48 -23.88 -11.45
CA SER B 80 0.04 -24.78 -12.44
C SER B 80 1.08 -25.63 -11.81
N VAL B 81 1.15 -26.89 -12.22
CA VAL B 81 2.16 -27.79 -11.71
C VAL B 81 2.90 -28.53 -12.82
N ARG B 82 4.21 -28.63 -12.69
CA ARG B 82 5.01 -29.40 -13.64
C ARG B 82 6.12 -30.00 -12.78
N LYS B 83 6.55 -31.21 -13.13
CA LYS B 83 7.55 -31.88 -12.34
C LYS B 83 8.97 -31.90 -12.93
N GLN B 84 9.96 -31.67 -12.06
CA GLN B 84 11.37 -31.68 -12.46
C GLN B 84 11.91 -33.05 -12.06
N TRP B 85 12.90 -33.57 -12.79
CA TRP B 85 13.40 -34.92 -12.51
C TRP B 85 13.82 -35.43 -11.12
N PRO B 86 14.72 -34.74 -10.43
CA PRO B 86 15.05 -35.34 -9.12
C PRO B 86 13.81 -35.70 -8.30
N ASP B 87 13.12 -34.65 -7.86
CA ASP B 87 11.94 -34.78 -7.02
C ASP B 87 11.20 -33.45 -6.96
N GLU B 88 11.74 -32.41 -7.57
CA GLU B 88 11.09 -31.13 -7.46
C GLU B 88 9.88 -30.84 -8.37
N LEU B 89 8.90 -30.14 -7.81
CA LEU B 89 7.68 -29.73 -8.50
C LEU B 89 7.58 -28.19 -8.67
N LYS B 90 7.46 -27.73 -9.90
CA LYS B 90 7.39 -26.30 -10.17
C LYS B 90 5.94 -25.85 -10.10
N ILE B 91 5.57 -25.28 -8.97
CA ILE B 91 4.22 -24.79 -8.75
C ILE B 91 4.17 -23.31 -8.93
N HIS B 92 3.30 -22.87 -9.83
CA HIS B 92 3.13 -21.45 -10.05
C HIS B 92 1.68 -21.18 -9.85
N LEU B 93 1.36 -20.66 -8.67
CA LEU B 93 -0.01 -20.37 -8.32
C LEU B 93 -0.35 -18.89 -8.24
N VAL B 94 -1.60 -18.57 -8.57
CA VAL B 94 -2.08 -17.20 -8.51
C VAL B 94 -3.30 -17.10 -7.59
N GLU B 95 -3.11 -16.42 -6.45
CA GLU B 95 -4.16 -16.21 -5.50
C GLU B 95 -5.13 -15.13 -5.97
N TYR B 96 -6.13 -14.83 -5.14
CA TYR B 96 -7.11 -13.81 -5.49
C TYR B 96 -6.76 -12.45 -4.88
N VAL B 97 -7.05 -11.38 -5.61
CA VAL B 97 -6.76 -10.04 -5.13
C VAL B 97 -8.01 -9.41 -4.45
N PRO B 98 -8.04 -9.33 -3.11
CA PRO B 98 -9.21 -8.74 -2.47
C PRO B 98 -9.38 -7.27 -2.77
N PHE B 99 -10.63 -6.86 -2.99
CA PHE B 99 -10.96 -5.46 -3.28
C PHE B 99 -12.10 -4.94 -2.39
N ALA B 100 -12.99 -5.84 -1.96
CA ALA B 100 -14.12 -5.46 -1.12
C ALA B 100 -14.81 -6.67 -0.47
N ARG B 101 -15.28 -6.50 0.77
CA ARG B 101 -15.97 -7.57 1.50
C ARG B 101 -17.45 -7.69 1.07
N TRP B 102 -17.87 -8.93 0.80
CA TRP B 102 -19.22 -9.26 0.32
C TRP B 102 -20.37 -9.23 1.33
N ASN B 103 -20.12 -9.73 2.53
CA ASN B 103 -21.11 -9.71 3.59
C ASN B 103 -20.21 -9.52 4.77
N ASP B 104 -19.90 -10.57 5.50
CA ASP B 104 -18.99 -10.41 6.63
C ASP B 104 -18.01 -11.59 6.69
N LEU B 105 -18.34 -12.68 6.01
CA LEU B 105 -17.45 -13.84 6.00
C LEU B 105 -17.02 -14.19 4.58
N HIS B 106 -17.13 -13.21 3.69
CA HIS B 106 -16.77 -13.40 2.29
C HIS B 106 -15.85 -12.29 1.77
N MET B 107 -15.53 -12.35 0.48
CA MET B 107 -14.69 -11.36 -0.18
C MET B 107 -14.82 -11.34 -1.71
N VAL B 108 -14.52 -10.19 -2.31
CA VAL B 108 -14.58 -10.05 -3.77
C VAL B 108 -13.42 -9.20 -4.29
N ASP B 109 -13.19 -9.20 -5.61
CA ASP B 109 -12.09 -8.43 -6.17
C ASP B 109 -12.50 -7.48 -7.30
N GLU B 110 -11.61 -6.54 -7.63
CA GLU B 110 -11.86 -5.56 -8.70
C GLU B 110 -12.59 -6.17 -9.90
N GLN B 111 -12.30 -7.44 -10.15
CA GLN B 111 -12.90 -8.18 -11.26
C GLN B 111 -14.34 -8.56 -10.93
N GLY B 112 -14.58 -8.85 -9.66
CA GLY B 112 -15.91 -9.22 -9.20
C GLY B 112 -16.14 -10.68 -8.86
N ARG B 113 -15.07 -11.43 -8.61
CA ARG B 113 -15.20 -12.84 -8.28
C ARG B 113 -15.33 -13.00 -6.76
N SER B 114 -15.94 -14.10 -6.32
CA SER B 114 -16.13 -14.37 -4.89
C SER B 114 -15.23 -15.48 -4.37
N PHE B 115 -14.67 -15.26 -3.19
CA PHE B 115 -13.77 -16.22 -2.54
C PHE B 115 -13.68 -15.95 -1.06
N SER B 116 -13.31 -16.96 -0.29
CA SER B 116 -13.17 -16.79 1.15
C SER B 116 -11.74 -16.86 1.64
N VAL B 117 -11.61 -16.96 2.97
CA VAL B 117 -10.33 -17.04 3.65
C VAL B 117 -10.57 -16.92 5.15
N PRO B 118 -10.00 -17.84 5.93
CA PRO B 118 -10.16 -17.88 7.39
C PRO B 118 -9.87 -16.58 8.13
N SER B 119 -10.72 -16.25 9.10
CA SER B 119 -10.55 -15.04 9.91
C SER B 119 -9.32 -15.22 10.81
N GLU B 120 -8.32 -15.92 10.30
CA GLU B 120 -7.10 -16.16 11.03
C GLU B 120 -6.19 -14.93 10.97
N ARG B 121 -4.90 -15.16 10.76
CA ARG B 121 -3.95 -14.06 10.69
C ARG B 121 -3.83 -13.60 9.23
N VAL B 122 -4.89 -12.96 8.74
CA VAL B 122 -4.94 -12.47 7.38
C VAL B 122 -5.62 -11.10 7.27
N GLY B 123 -6.87 -11.03 7.69
CA GLY B 123 -7.60 -9.78 7.61
C GLY B 123 -7.08 -8.69 8.52
N LYS B 124 -6.55 -7.62 7.94
CA LYS B 124 -6.04 -6.52 8.72
C LYS B 124 -5.80 -5.33 7.83
N GLN B 125 -6.88 -4.73 7.35
CA GLN B 125 -6.72 -3.59 6.48
C GLN B 125 -8.07 -2.96 6.22
N LYS B 126 -8.06 -1.65 6.00
CA LYS B 126 -9.26 -0.90 5.70
C LYS B 126 -9.73 -1.27 4.28
N LEU B 127 -10.70 -2.18 4.24
CA LEU B 127 -11.28 -2.70 3.00
C LEU B 127 -12.79 -2.50 2.96
N PRO B 128 -13.27 -1.77 1.95
CA PRO B 128 -14.67 -1.43 1.68
C PRO B 128 -15.62 -2.58 1.94
N LEU B 129 -16.74 -2.31 2.61
CA LEU B 129 -17.72 -3.36 2.90
C LEU B 129 -18.91 -3.28 1.96
N LEU B 130 -19.15 -4.34 1.20
CA LEU B 130 -20.29 -4.36 0.29
C LEU B 130 -21.23 -5.45 0.71
N TYR B 131 -22.49 -5.12 1.00
CA TYR B 131 -23.48 -6.11 1.40
C TYR B 131 -24.55 -6.32 0.32
N GLY B 132 -25.29 -7.42 0.42
CA GLY B 132 -26.32 -7.72 -0.55
C GLY B 132 -26.87 -9.14 -0.47
N PRO B 133 -27.85 -9.49 -1.31
CA PRO B 133 -28.46 -10.83 -1.34
C PRO B 133 -27.55 -11.83 -2.03
N GLU B 134 -27.97 -13.09 -2.11
CA GLU B 134 -27.14 -14.10 -2.78
C GLU B 134 -27.26 -14.01 -4.30
N GLY B 135 -26.13 -14.18 -4.99
CA GLY B 135 -26.13 -14.14 -6.44
C GLY B 135 -26.38 -12.76 -7.02
N SER B 136 -25.70 -11.75 -6.48
CA SER B 136 -25.86 -10.39 -6.98
C SER B 136 -24.53 -9.64 -6.86
N GLU B 137 -23.48 -10.41 -6.61
CA GLU B 137 -22.12 -9.90 -6.44
C GLU B 137 -21.69 -8.83 -7.45
N GLN B 138 -21.84 -9.11 -8.73
CA GLN B 138 -21.44 -8.15 -9.74
C GLN B 138 -22.43 -6.99 -9.79
N ASP B 139 -23.72 -7.29 -9.63
CA ASP B 139 -24.76 -6.26 -9.63
C ASP B 139 -24.37 -5.18 -8.63
N VAL B 140 -23.89 -5.60 -7.46
CA VAL B 140 -23.49 -4.65 -6.42
C VAL B 140 -22.17 -3.96 -6.66
N LEU B 141 -21.16 -4.71 -7.08
CA LEU B 141 -19.85 -4.10 -7.34
C LEU B 141 -20.06 -3.07 -8.45
N GLU B 142 -20.77 -3.48 -9.49
CA GLU B 142 -21.09 -2.60 -10.63
C GLU B 142 -21.31 -1.19 -10.11
N GLY B 143 -22.13 -1.10 -9.07
CA GLY B 143 -22.44 0.18 -8.47
C GLY B 143 -21.23 0.83 -7.83
N TYR B 144 -20.89 0.39 -6.62
CA TYR B 144 -19.75 0.93 -5.89
C TYR B 144 -18.72 1.47 -6.87
N ARG B 145 -18.33 0.64 -7.82
CA ARG B 145 -17.34 1.02 -8.83
C ARG B 145 -17.68 2.37 -9.47
N ALA B 146 -18.87 2.47 -10.07
CA ALA B 146 -19.31 3.69 -10.74
C ALA B 146 -19.60 4.84 -9.78
N ILE B 147 -19.98 4.51 -8.55
CA ILE B 147 -20.28 5.54 -7.56
C ILE B 147 -19.01 6.03 -6.90
N ASN B 148 -18.16 5.10 -6.48
CA ASN B 148 -16.92 5.46 -5.81
C ASN B 148 -16.32 6.69 -6.45
N LYS B 149 -16.28 6.71 -7.78
CA LYS B 149 -15.70 7.83 -8.52
C LYS B 149 -16.19 9.16 -7.98
N VAL B 150 -17.50 9.27 -7.81
CA VAL B 150 -18.10 10.52 -7.34
C VAL B 150 -17.69 10.94 -5.92
N LEU B 151 -17.86 10.04 -4.97
CA LEU B 151 -17.51 10.35 -3.59
C LEU B 151 -15.99 10.49 -3.46
N ALA B 152 -15.25 9.74 -4.28
CA ALA B 152 -13.80 9.79 -4.27
C ALA B 152 -13.40 11.18 -4.74
N ALA B 153 -14.26 11.73 -5.61
CA ALA B 153 -14.05 13.06 -6.16
C ALA B 153 -13.83 14.06 -5.03
N ASN B 154 -14.74 14.04 -4.05
CA ASN B 154 -14.64 14.92 -2.89
C ASN B 154 -14.07 14.15 -1.70
N LYS B 155 -13.76 14.86 -0.61
CA LYS B 155 -13.15 14.27 0.58
C LYS B 155 -14.03 13.25 1.33
N TYR B 156 -14.85 12.50 0.58
CA TYR B 156 -15.73 11.51 1.19
C TYR B 156 -15.29 10.09 0.83
N GLN B 157 -14.69 9.43 1.81
CA GLN B 157 -14.21 8.07 1.64
C GLN B 157 -15.35 7.13 2.06
N LEU B 158 -16.06 6.58 1.08
CA LEU B 158 -17.18 5.69 1.33
C LEU B 158 -16.80 4.42 2.10
N LYS B 159 -17.45 4.19 3.23
CA LYS B 159 -17.17 3.04 4.08
C LYS B 159 -17.94 1.77 3.74
N MET B 160 -19.06 1.90 3.05
CA MET B 160 -19.87 0.73 2.71
C MET B 160 -21.01 1.00 1.71
N VAL B 161 -21.60 -0.08 1.19
CA VAL B 161 -22.69 0.04 0.23
C VAL B 161 -23.53 -1.22 0.30
N ALA B 162 -24.80 -1.09 0.64
CA ALA B 162 -25.62 -2.28 0.71
C ALA B 162 -26.86 -2.23 -0.17
N MET B 163 -27.24 -3.35 -0.75
CA MET B 163 -28.44 -3.43 -1.59
C MET B 163 -29.37 -4.55 -1.06
N SER B 164 -30.67 -4.27 -0.89
CA SER B 164 -31.60 -5.29 -0.42
C SER B 164 -32.25 -6.01 -1.60
N ALA B 165 -32.91 -7.14 -1.33
CA ALA B 165 -33.57 -7.94 -2.37
C ALA B 165 -34.17 -7.01 -3.42
N ARG B 166 -35.04 -6.10 -2.96
CA ARG B 166 -35.67 -5.12 -3.83
C ARG B 166 -34.58 -4.07 -4.06
N HIS B 167 -34.27 -3.82 -5.33
CA HIS B 167 -33.24 -2.86 -5.72
C HIS B 167 -33.17 -1.59 -4.89
N SER B 168 -32.72 -1.69 -3.63
CA SER B 168 -32.61 -0.55 -2.73
C SER B 168 -31.14 -0.23 -2.48
N TRP B 169 -30.80 1.03 -2.26
CA TRP B 169 -29.39 1.37 -2.04
C TRP B 169 -29.12 2.30 -0.85
N GLN B 170 -28.28 1.85 0.07
CA GLN B 170 -27.89 2.62 1.25
C GLN B 170 -26.37 2.53 1.41
N LEU B 171 -25.66 3.66 1.41
CA LEU B 171 -24.20 3.60 1.57
C LEU B 171 -23.75 4.25 2.89
N ALA B 172 -22.44 4.45 3.08
CA ALA B 172 -21.95 5.07 4.30
C ALA B 172 -20.69 5.89 4.06
N LEU B 173 -20.01 6.28 5.14
CA LEU B 173 -18.78 7.06 5.05
C LEU B 173 -17.85 6.67 6.18
N ASP B 174 -16.61 7.16 6.15
CA ASP B 174 -15.62 6.85 7.20
C ASP B 174 -16.14 7.39 8.52
N ASN B 175 -16.78 8.56 8.47
CA ASN B 175 -17.43 9.12 9.66
C ASN B 175 -18.74 8.40 9.46
N ASP B 176 -19.13 7.57 10.40
CA ASP B 176 -20.35 6.80 10.22
C ASP B 176 -21.69 7.47 9.88
N VAL B 177 -21.70 8.23 8.79
CA VAL B 177 -22.92 8.89 8.34
C VAL B 177 -23.66 7.73 7.68
N ARG B 178 -24.76 8.01 6.99
CA ARG B 178 -25.52 6.94 6.38
C ARG B 178 -26.42 7.47 5.31
N LEU B 179 -25.91 7.59 4.10
CA LEU B 179 -26.73 8.10 3.02
C LEU B 179 -27.70 6.99 2.64
N GLU B 180 -28.88 7.34 2.11
CA GLU B 180 -29.89 6.34 1.72
C GLU B 180 -30.65 6.68 0.45
N LEU B 181 -30.16 6.20 -0.70
CA LEU B 181 -30.75 6.46 -2.00
C LEU B 181 -32.13 5.87 -2.16
N GLY B 182 -32.23 4.56 -2.34
CA GLY B 182 -33.56 3.99 -2.46
C GLY B 182 -33.71 2.95 -3.53
N ARG B 183 -34.39 3.28 -4.63
CA ARG B 183 -34.59 2.32 -5.70
C ARG B 183 -34.88 2.93 -7.07
N ASP B 184 -35.42 4.16 -7.09
CA ASP B 184 -35.71 4.79 -8.38
C ASP B 184 -34.48 5.47 -9.01
N ASP B 185 -34.35 6.78 -8.90
CA ASP B 185 -33.21 7.46 -9.51
C ASP B 185 -31.92 7.39 -8.68
N ARG B 186 -31.24 6.26 -8.73
CA ARG B 186 -30.00 6.05 -7.97
C ARG B 186 -28.93 7.13 -8.21
N MET B 187 -28.19 7.00 -9.30
CA MET B 187 -27.14 7.97 -9.59
C MET B 187 -27.62 9.39 -9.35
N GLY B 188 -28.74 9.73 -9.98
CA GLY B 188 -29.29 11.07 -9.86
C GLY B 188 -29.38 11.59 -8.43
N ARG B 189 -30.21 10.91 -7.65
CA ARG B 189 -30.41 11.29 -6.26
C ARG B 189 -29.05 11.55 -5.63
N LEU B 190 -28.08 10.71 -5.96
CA LEU B 190 -26.75 10.86 -5.42
C LEU B 190 -26.13 12.25 -5.68
N GLN B 191 -25.95 12.61 -6.95
CA GLN B 191 -25.33 13.89 -7.32
C GLN B 191 -25.72 14.97 -6.31
N ARG B 192 -26.97 14.92 -5.86
CA ARG B 192 -27.52 15.88 -4.91
C ARG B 192 -26.72 16.02 -3.63
N PHE B 193 -26.42 14.89 -2.99
CA PHE B 193 -25.67 14.91 -1.73
C PHE B 193 -24.38 15.72 -1.66
N ILE B 194 -23.55 15.65 -2.70
CA ILE B 194 -22.29 16.40 -2.69
C ILE B 194 -22.46 17.91 -2.57
N GLU B 195 -23.66 18.41 -2.87
CA GLU B 195 -23.94 19.84 -2.80
C GLU B 195 -24.50 20.31 -1.46
N LEU B 196 -25.54 19.65 -0.99
CA LEU B 196 -26.17 20.03 0.26
C LEU B 196 -25.32 19.79 1.50
N TYR B 197 -24.44 18.80 1.43
CA TYR B 197 -23.59 18.49 2.58
C TYR B 197 -22.60 19.61 2.90
N PRO B 198 -21.93 20.17 1.88
CA PRO B 198 -21.00 21.25 2.19
C PRO B 198 -21.78 22.42 2.79
N MET B 199 -23.10 22.38 2.60
CA MET B 199 -23.99 23.42 3.11
C MET B 199 -24.43 23.14 4.55
N LEU B 200 -23.48 22.79 5.40
CA LEU B 200 -23.79 22.51 6.80
C LEU B 200 -22.95 23.38 7.72
N GLN B 201 -23.59 23.94 8.74
CA GLN B 201 -22.90 24.79 9.71
C GLN B 201 -22.82 24.08 11.07
N GLN B 202 -21.87 23.16 11.18
CA GLN B 202 -21.64 22.38 12.40
C GLN B 202 -22.76 21.37 12.63
N LYS B 206 -21.24 14.85 16.83
CA LYS B 206 -22.61 14.63 16.42
C LYS B 206 -23.11 15.66 15.38
N ARG B 207 -22.32 15.86 14.32
CA ARG B 207 -22.69 16.80 13.26
C ARG B 207 -23.96 16.39 12.53
N VAL B 208 -24.05 15.12 12.13
CA VAL B 208 -25.23 14.62 11.43
C VAL B 208 -25.38 13.14 11.79
N SER B 209 -26.17 12.40 11.03
CA SER B 209 -26.39 10.98 11.33
C SER B 209 -26.93 10.14 10.18
N TYR B 210 -27.82 10.71 9.37
CA TYR B 210 -28.36 10.02 8.21
C TYR B 210 -28.83 11.12 7.27
N VAL B 211 -28.99 10.81 5.99
CA VAL B 211 -29.46 11.77 5.01
C VAL B 211 -30.32 11.01 4.02
N ASP B 212 -31.64 11.15 4.12
CA ASP B 212 -32.50 10.45 3.18
C ASP B 212 -32.63 11.32 1.96
N LEU B 213 -32.44 10.72 0.79
CA LEU B 213 -32.52 11.45 -0.46
C LEU B 213 -33.60 10.89 -1.35
N ARG B 214 -34.52 10.14 -0.76
CA ARG B 214 -35.60 9.53 -1.52
C ARG B 214 -36.62 10.58 -1.97
N TYR B 215 -36.24 11.85 -1.92
CA TYR B 215 -37.15 12.92 -2.33
C TYR B 215 -36.87 13.42 -3.74
N GLU B 216 -37.15 14.70 -3.99
CA GLU B 216 -36.93 15.28 -5.30
C GLU B 216 -36.55 16.76 -5.24
N THR B 217 -37.07 17.48 -4.26
CA THR B 217 -36.73 18.89 -4.11
C THR B 217 -35.41 18.94 -3.34
N GLY B 218 -35.31 18.10 -2.32
CA GLY B 218 -34.12 18.06 -1.49
C GLY B 218 -33.97 16.80 -0.64
N ALA B 219 -33.09 16.86 0.35
CA ALA B 219 -32.85 15.72 1.21
C ALA B 219 -33.42 15.98 2.56
N ALA B 220 -33.27 15.02 3.45
CA ALA B 220 -33.79 15.14 4.79
C ALA B 220 -32.77 14.64 5.78
N ILE B 221 -32.10 15.57 6.46
CA ILE B 221 -31.11 15.25 7.46
C ILE B 221 -31.75 14.55 8.66
N GLY B 222 -30.96 13.89 9.49
CA GLY B 222 -31.51 13.19 10.64
C GLY B 222 -30.50 13.01 11.75
N TRP B 223 -30.95 12.69 12.96
CA TRP B 223 -30.04 12.50 14.08
C TRP B 223 -30.33 11.22 14.87
N ALA B 224 -29.28 10.68 15.49
CA ALA B 224 -29.42 9.46 16.26
C ALA B 224 -29.96 9.68 17.68
N PRO B 225 -30.91 8.82 18.09
CA PRO B 225 -31.64 8.75 19.37
C PRO B 225 -30.81 8.31 20.59
N VAL B 226 -30.00 9.20 21.18
CA VAL B 226 -29.19 8.80 22.34
C VAL B 226 -30.09 8.38 23.53
N PHE B 227 -30.21 7.07 23.80
CA PHE B 227 -31.06 6.59 24.89
C PHE B 227 -30.44 6.68 26.30
N ILE B 228 -30.63 7.81 26.98
CA ILE B 228 -30.08 8.02 28.32
C ILE B 228 -30.88 7.33 29.41
N GLY B 229 -32.11 7.53 29.49
#